data_9EXX
#
_entry.id   9EXX
#
_cell.length_a   50.149
_cell.length_b   54.939
_cell.length_c   149.623
_cell.angle_alpha   90
_cell.angle_beta   90
_cell.angle_gamma   90
#
_symmetry.space_group_name_H-M   'P 21 21 21'
#
loop_
_entity.id
_entity.type
_entity.pdbx_description
1 polymer 'Histone-lysine N-methyltransferase NSD2'
2 non-polymer 1,2-ETHANEDIOL
3 non-polymer ETHANOL
4 non-polymer 4-methyl-3-[1-methyl-5-(3-oxidanylidene-4~{H}-1,4-benzoxazin-7-yl)imidazol-4-yl]-~{N}-phenyl-benzamide
5 water water
#
_entity_poly.entity_id   1
_entity_poly.type   'polypeptide(L)'
_entity_poly.pdbx_seq_one_letter_code
;MGGGPNTGRDKDHLLKYNVGDLVWSKVSGYPWWPCMVSADPLLHSYTKLKGQKKSARQYHVQFFGDAPERAWIFEKSLVA
FEGEGQFEKLCQESAKQAPTKAEKIKLLKPISGKLRAQWEMGIVQAEEAASMSVEERKAKFTFLYVGDQLHLNPQVAKEA
GIAAEGGGENLYFQ
;
_entity_poly.pdbx_strand_id   A,B
#
loop_
_chem_comp.id
_chem_comp.type
_chem_comp.name
_chem_comp.formula
A1H7Y non-polymer 4-methyl-3-[1-methyl-5-(3-oxidanylidene-4~{H}-1,4-benzoxazin-7-yl)imidazol-4-yl]-~{N}-phenyl-benzamide 'C26 H22 N4 O3'
EDO non-polymer 1,2-ETHANEDIOL 'C2 H6 O2'
EOH non-polymer ETHANOL 'C2 H6 O'
#
# COMPACT_ATOMS: atom_id res chain seq x y z
N LEU A 14 -2.40 -20.28 14.43
CA LEU A 14 -1.00 -20.65 14.20
C LEU A 14 -0.38 -19.92 12.99
N LEU A 15 0.35 -18.84 13.24
CA LEU A 15 0.95 -18.06 12.17
C LEU A 15 2.20 -18.68 11.56
N LYS A 16 2.27 -18.65 10.21
CA LYS A 16 3.39 -19.13 9.44
C LYS A 16 4.61 -18.21 9.60
N TYR A 17 4.38 -16.88 9.61
CA TYR A 17 5.47 -15.92 9.70
C TYR A 17 5.41 -15.02 10.92
N ASN A 18 6.55 -14.42 11.22
CA ASN A 18 6.74 -13.47 12.32
C ASN A 18 7.73 -12.40 11.82
N VAL A 19 7.83 -11.28 12.56
CA VAL A 19 8.74 -10.20 12.23
C VAL A 19 10.18 -10.70 12.11
N GLY A 20 10.81 -10.41 10.98
CA GLY A 20 12.17 -10.86 10.73
C GLY A 20 12.21 -11.99 9.73
N ASP A 21 11.10 -12.75 9.55
CA ASP A 21 11.10 -13.84 8.59
C ASP A 21 11.23 -13.28 7.19
N LEU A 22 11.99 -13.97 6.36
CA LEU A 22 12.28 -13.57 4.99
C LEU A 22 11.41 -14.32 4.04
N VAL A 23 10.81 -13.62 3.08
CA VAL A 23 9.89 -14.20 2.10
C VAL A 23 10.11 -13.59 0.73
N TRP A 24 9.63 -14.26 -0.31
CA TRP A 24 9.58 -13.77 -1.68
C TRP A 24 8.12 -13.28 -1.85
N SER A 25 7.91 -12.14 -2.49
CA SER A 25 6.58 -11.57 -2.68
C SER A 25 6.31 -11.45 -4.13
N LYS A 26 5.12 -11.87 -4.56
CA LYS A 26 4.74 -11.75 -5.96
C LYS A 26 3.62 -10.75 -6.09
N VAL A 27 3.90 -9.62 -6.73
CA VAL A 27 2.90 -8.59 -6.98
C VAL A 27 2.72 -8.51 -8.48
N SER A 28 1.46 -8.37 -8.96
CA SER A 28 1.17 -8.29 -10.39
C SER A 28 1.90 -7.11 -11.02
N GLY A 29 2.60 -7.36 -12.13
CA GLY A 29 3.39 -6.37 -12.82
C GLY A 29 4.84 -6.31 -12.36
N TYR A 30 5.24 -7.18 -11.42
CA TYR A 30 6.59 -7.18 -10.88
C TYR A 30 7.10 -8.60 -10.75
N PRO A 31 8.42 -8.81 -10.88
CA PRO A 31 8.99 -10.15 -10.60
C PRO A 31 8.93 -10.50 -9.11
N TRP A 32 9.12 -11.80 -8.75
CA TRP A 32 9.21 -12.23 -7.34
C TRP A 32 10.33 -11.47 -6.68
N TRP A 33 10.06 -10.86 -5.53
CA TRP A 33 10.98 -9.95 -4.90
C TRP A 33 11.34 -10.40 -3.53
N PRO A 34 12.62 -10.27 -3.12
CA PRO A 34 12.99 -10.64 -1.76
C PRO A 34 12.50 -9.62 -0.76
N CYS A 35 11.87 -10.09 0.30
CA CYS A 35 11.27 -9.28 1.36
C CYS A 35 11.55 -9.85 2.76
N MET A 36 11.21 -9.06 3.78
CA MET A 36 11.28 -9.43 5.17
C MET A 36 9.98 -8.94 5.81
N VAL A 37 9.24 -9.83 6.49
CA VAL A 37 8.03 -9.51 7.24
C VAL A 37 8.42 -8.55 8.35
N SER A 38 7.60 -7.54 8.58
CA SER A 38 7.86 -6.52 9.58
C SER A 38 6.56 -5.87 10.04
N ALA A 39 6.62 -5.13 11.15
CA ALA A 39 5.47 -4.44 11.67
C ALA A 39 5.28 -3.14 10.92
N ASP A 40 4.03 -2.82 10.60
CA ASP A 40 3.62 -1.58 9.95
C ASP A 40 3.93 -0.44 10.92
N PRO A 41 4.73 0.54 10.51
CA PRO A 41 5.09 1.63 11.42
C PRO A 41 3.91 2.43 11.98
N LEU A 42 2.79 2.56 11.24
CA LEU A 42 1.63 3.31 11.74
C LEU A 42 0.60 2.41 12.42
N LEU A 43 0.31 1.27 11.80
CA LEU A 43 -0.71 0.36 12.31
C LEU A 43 -0.24 -0.51 13.47
N HIS A 44 1.08 -0.72 13.59
CA HIS A 44 1.73 -1.51 14.65
C HIS A 44 1.36 -2.98 14.64
N SER A 45 0.96 -3.50 13.49
CA SER A 45 0.70 -4.93 13.32
C SER A 45 1.53 -5.43 12.13
N TYR A 46 1.73 -6.73 12.05
CA TYR A 46 2.48 -7.31 10.95
C TYR A 46 1.64 -8.31 10.14
N THR A 47 0.48 -8.73 10.66
CA THR A 47 -0.39 -9.66 9.96
C THR A 47 -1.83 -9.25 10.20
N LYS A 48 -2.70 -9.49 9.21
CA LYS A 48 -4.11 -9.13 9.27
C LYS A 48 -4.96 -10.12 8.47
N LEU A 49 -6.27 -10.13 8.69
CA LEU A 49 -7.21 -10.88 7.88
C LEU A 49 -8.01 -9.83 7.12
N LYS A 50 -7.89 -9.80 5.78
CA LYS A 50 -8.62 -8.84 4.93
C LYS A 50 -10.10 -9.24 4.99
N GLY A 51 -10.97 -8.32 5.39
CA GLY A 51 -12.39 -8.60 5.53
C GLY A 51 -12.73 -9.65 6.59
N GLN A 52 -11.81 -9.85 7.55
CA GLN A 52 -11.86 -10.85 8.61
C GLN A 52 -12.10 -12.30 8.08
N LYS A 53 -11.67 -12.56 6.83
CA LYS A 53 -11.78 -13.88 6.22
C LYS A 53 -10.49 -14.64 6.47
N LYS A 54 -10.59 -15.88 6.97
CA LYS A 54 -9.43 -16.72 7.29
C LYS A 54 -8.52 -16.97 6.09
N SER A 55 -9.10 -16.97 4.88
CA SER A 55 -8.40 -17.20 3.62
C SER A 55 -7.69 -15.95 3.05
N ALA A 56 -8.04 -14.73 3.49
CA ALA A 56 -7.39 -13.52 2.99
C ALA A 56 -6.37 -12.91 3.99
N ARG A 57 -5.43 -13.73 4.50
CA ARG A 57 -4.41 -13.22 5.41
C ARG A 57 -3.34 -12.42 4.65
N GLN A 58 -2.96 -11.25 5.19
CA GLN A 58 -1.93 -10.37 4.66
C GLN A 58 -0.82 -10.28 5.69
N TYR A 59 0.40 -10.01 5.22
CA TYR A 59 1.53 -9.74 6.06
C TYR A 59 2.14 -8.43 5.60
N HIS A 60 2.71 -7.65 6.52
CA HIS A 60 3.37 -6.40 6.15
C HIS A 60 4.83 -6.77 5.89
N VAL A 61 5.35 -6.39 4.73
CA VAL A 61 6.70 -6.75 4.35
C VAL A 61 7.48 -5.51 3.91
N GLN A 62 8.80 -5.61 4.04
CA GLN A 62 9.76 -4.63 3.55
C GLN A 62 10.30 -5.22 2.28
N PHE A 63 10.52 -4.41 1.24
CA PHE A 63 11.08 -4.93 0.01
C PHE A 63 12.56 -4.58 0.01
N PHE A 64 13.41 -5.61 -0.10
CA PHE A 64 14.86 -5.43 -0.14
C PHE A 64 15.28 -4.68 -1.40
N GLY A 65 16.30 -3.83 -1.26
CA GLY A 65 16.82 -3.05 -2.37
C GLY A 65 17.38 -1.71 -1.91
N ASP A 66 17.86 -0.93 -2.86
CA ASP A 66 18.41 0.40 -2.52
C ASP A 66 17.33 1.47 -2.42
N ALA A 67 16.17 1.27 -3.07
CA ALA A 67 15.06 2.23 -3.07
C ALA A 67 13.90 1.59 -2.27
N PRO A 68 13.96 1.60 -0.92
CA PRO A 68 12.97 0.86 -0.13
C PRO A 68 11.49 1.20 -0.29
N GLU A 69 10.67 0.15 -0.19
CA GLU A 69 9.22 0.19 -0.16
C GLU A 69 8.70 -0.82 0.87
N ARG A 70 7.45 -0.64 1.28
CA ARG A 70 6.76 -1.54 2.22
C ARG A 70 5.32 -1.75 1.69
N ALA A 71 4.68 -2.88 2.04
CA ALA A 71 3.31 -3.15 1.60
C ALA A 71 2.70 -4.32 2.36
N TRP A 72 1.36 -4.39 2.38
CA TRP A 72 0.63 -5.51 2.93
C TRP A 72 0.40 -6.44 1.73
N ILE A 73 0.98 -7.64 1.82
CA ILE A 73 0.93 -8.62 0.75
C ILE A 73 0.13 -9.82 1.24
N PHE A 74 -0.74 -10.39 0.39
CA PHE A 74 -1.48 -11.58 0.80
C PHE A 74 -0.49 -12.75 1.00
N GLU A 75 -0.69 -13.57 2.05
CA GLU A 75 0.10 -14.75 2.41
C GLU A 75 0.16 -15.73 1.24
N LYS A 76 -0.92 -15.83 0.45
CA LYS A 76 -0.94 -16.68 -0.75
C LYS A 76 0.12 -16.25 -1.77
N SER A 77 0.53 -14.98 -1.75
CA SER A 77 1.54 -14.48 -2.68
C SER A 77 2.93 -14.45 -2.05
N LEU A 78 3.17 -15.23 -0.98
CA LEU A 78 4.45 -15.30 -0.30
C LEU A 78 4.99 -16.73 -0.31
N VAL A 79 6.31 -16.85 -0.48
CA VAL A 79 7.04 -18.11 -0.44
C VAL A 79 8.21 -17.87 0.49
N ALA A 80 8.42 -18.70 1.53
CA ALA A 80 9.56 -18.53 2.47
C ALA A 80 10.86 -18.46 1.73
N PHE A 81 11.73 -17.54 2.12
CA PHE A 81 12.99 -17.26 1.42
C PHE A 81 14.23 -18.01 2.00
N GLU A 82 14.94 -18.68 1.10
CA GLU A 82 16.18 -19.40 1.41
C GLU A 82 17.34 -18.77 0.62
N GLY A 83 17.10 -18.51 -0.66
CA GLY A 83 18.11 -17.87 -1.50
C GLY A 83 17.68 -17.71 -2.94
N GLU A 84 18.55 -17.09 -3.77
CA GLU A 84 18.26 -16.85 -5.18
C GLU A 84 18.01 -18.13 -5.98
N GLY A 85 18.50 -19.28 -5.50
CA GLY A 85 18.29 -20.56 -6.19
C GLY A 85 16.84 -20.88 -6.46
N GLN A 86 15.94 -20.38 -5.60
CA GLN A 86 14.51 -20.55 -5.72
C GLN A 86 13.92 -19.77 -6.88
N PHE A 87 14.48 -18.58 -7.18
CA PHE A 87 13.99 -17.67 -8.20
C PHE A 87 13.61 -18.32 -9.54
N GLU A 88 14.48 -19.15 -10.13
CA GLU A 88 14.19 -19.76 -11.43
C GLU A 88 12.90 -20.56 -11.43
N LYS A 89 12.70 -21.38 -10.39
CA LYS A 89 11.50 -22.20 -10.27
C LYS A 89 10.25 -21.34 -10.01
N LEU A 90 10.40 -20.20 -9.33
CA LEU A 90 9.28 -19.29 -9.04
C LEU A 90 8.75 -18.74 -10.37
N CYS A 91 9.62 -18.24 -11.24
CA CYS A 91 9.25 -17.74 -12.56
C CYS A 91 8.59 -18.83 -13.40
N GLN A 92 9.12 -20.06 -13.32
CA GLN A 92 8.60 -21.20 -14.04
C GLN A 92 7.18 -21.52 -13.60
N GLU A 93 6.94 -21.62 -12.28
CA GLU A 93 5.60 -21.91 -11.78
C GLU A 93 4.62 -20.79 -12.12
N SER A 94 5.10 -19.52 -12.13
CA SER A 94 4.30 -18.35 -12.47
C SER A 94 3.96 -18.31 -13.96
N ALA A 95 4.91 -18.77 -14.81
CA ALA A 95 4.69 -18.83 -16.26
C ALA A 95 3.79 -20.00 -16.64
N LYS A 96 3.79 -21.09 -15.84
CA LYS A 96 2.96 -22.28 -16.05
C LYS A 96 1.47 -21.92 -16.10
N GLN A 97 1.06 -20.97 -15.25
CA GLN A 97 -0.33 -20.53 -15.19
C GLN A 97 -0.56 -19.12 -15.73
N ALA A 98 0.32 -18.65 -16.64
CA ALA A 98 0.17 -17.33 -17.23
C ALA A 98 -0.85 -17.42 -18.34
N PRO A 99 -1.95 -16.64 -18.28
CA PRO A 99 -2.99 -16.75 -19.33
C PRO A 99 -2.58 -16.31 -20.74
N THR A 100 -1.34 -15.86 -20.91
CA THR A 100 -0.85 -15.43 -22.23
C THR A 100 0.56 -16.03 -22.50
N LYS A 101 0.95 -16.13 -23.78
CA LYS A 101 2.30 -16.59 -24.12
C LYS A 101 3.29 -15.41 -23.87
N ALA A 102 2.87 -14.17 -24.16
CA ALA A 102 3.66 -12.96 -23.89
C ALA A 102 3.83 -12.76 -22.38
N GLU A 103 2.83 -13.16 -21.59
CA GLU A 103 2.81 -13.12 -20.13
C GLU A 103 3.81 -14.15 -19.56
N LYS A 104 3.92 -15.31 -20.23
CA LYS A 104 4.85 -16.40 -19.91
C LYS A 104 6.29 -16.04 -20.30
N ILE A 105 6.45 -15.28 -21.41
CA ILE A 105 7.74 -14.80 -21.89
C ILE A 105 8.32 -13.76 -20.91
N LYS A 106 7.46 -12.85 -20.42
CA LYS A 106 7.87 -11.81 -19.47
C LYS A 106 8.37 -12.42 -18.17
N LEU A 107 7.70 -13.48 -17.70
CA LEU A 107 8.08 -14.13 -16.46
C LEU A 107 9.38 -14.90 -16.51
N LEU A 108 9.63 -15.62 -17.61
CA LEU A 108 10.84 -16.42 -17.78
C LEU A 108 12.07 -15.58 -18.14
N LYS A 109 11.84 -14.45 -18.83
CA LYS A 109 12.89 -13.50 -19.24
C LYS A 109 13.46 -12.81 -17.99
N PRO A 110 14.78 -12.55 -17.96
CA PRO A 110 15.38 -11.89 -16.79
C PRO A 110 15.00 -10.40 -16.66
N ILE A 111 15.08 -9.90 -15.43
CA ILE A 111 14.76 -8.51 -15.08
C ILE A 111 15.79 -7.54 -15.74
N SER A 112 15.35 -6.36 -16.14
CA SER A 112 16.21 -5.38 -16.80
C SER A 112 16.14 -3.97 -16.17
N GLY A 113 17.00 -3.07 -16.62
CA GLY A 113 17.02 -1.68 -16.18
C GLY A 113 17.29 -1.45 -14.71
N LYS A 114 16.73 -0.33 -14.20
CA LYS A 114 16.88 0.04 -12.80
C LYS A 114 16.25 -1.02 -11.89
N LEU A 115 15.20 -1.72 -12.37
CA LEU A 115 14.56 -2.78 -11.60
C LEU A 115 15.53 -3.94 -11.33
N ARG A 116 16.33 -4.33 -12.34
CA ARG A 116 17.35 -5.38 -12.21
C ARG A 116 18.38 -4.98 -11.17
N ALA A 117 18.82 -3.73 -11.22
CA ALA A 117 19.84 -3.26 -10.29
C ALA A 117 19.35 -3.33 -8.85
N GLN A 118 18.09 -2.92 -8.65
CA GLN A 118 17.41 -2.95 -7.37
C GLN A 118 17.21 -4.39 -6.89
N TRP A 119 16.75 -5.28 -7.77
CA TRP A 119 16.54 -6.67 -7.44
C TRP A 119 17.85 -7.35 -7.01
N GLU A 120 18.97 -7.10 -7.74
CA GLU A 120 20.28 -7.67 -7.36
C GLU A 120 20.76 -7.08 -6.04
N MET A 121 20.54 -5.79 -5.81
CA MET A 121 20.89 -5.17 -4.53
C MET A 121 20.10 -5.84 -3.38
N GLY A 122 18.82 -6.12 -3.65
CA GLY A 122 17.91 -6.77 -2.71
C GLY A 122 18.31 -8.19 -2.41
N ILE A 123 18.76 -8.93 -3.43
CA ILE A 123 19.23 -10.32 -3.26
C ILE A 123 20.49 -10.36 -2.40
N VAL A 124 21.38 -9.36 -2.59
CA VAL A 124 22.59 -9.23 -1.79
C VAL A 124 22.25 -8.99 -0.31
N GLN A 125 21.27 -8.12 -0.02
CA GLN A 125 20.86 -7.85 1.36
C GLN A 125 20.10 -8.99 1.97
N ALA A 126 19.25 -9.66 1.17
CA ALA A 126 18.43 -10.75 1.65
C ALA A 126 19.26 -11.99 1.97
N GLU A 127 20.28 -12.29 1.16
CA GLU A 127 21.14 -13.45 1.42
C GLU A 127 22.04 -13.18 2.66
N GLU A 128 22.43 -11.91 2.88
CA GLU A 128 23.14 -11.56 4.12
C GLU A 128 22.19 -11.76 5.31
N ALA A 129 20.96 -11.22 5.24
CA ALA A 129 19.95 -11.37 6.28
C ALA A 129 19.68 -12.85 6.59
N ALA A 130 19.64 -13.72 5.56
CA ALA A 130 19.40 -15.16 5.68
C ALA A 130 20.50 -15.85 6.48
N SER A 131 21.74 -15.41 6.28
CA SER A 131 22.90 -15.95 7.00
C SER A 131 22.95 -15.47 8.47
N MET A 132 22.06 -14.53 8.87
CA MET A 132 21.99 -13.98 10.22
C MET A 132 20.82 -14.61 10.98
N SER A 133 20.81 -14.44 12.30
CA SER A 133 19.70 -14.92 13.11
C SER A 133 18.53 -13.91 12.99
N VAL A 134 17.34 -14.27 13.48
CA VAL A 134 16.18 -13.40 13.46
C VAL A 134 16.45 -12.01 14.10
N GLU A 135 17.02 -11.97 15.32
CA GLU A 135 17.25 -10.68 16.00
C GLU A 135 18.39 -9.87 15.41
N GLU A 136 19.36 -10.53 14.77
CA GLU A 136 20.48 -9.83 14.14
C GLU A 136 19.95 -9.17 12.86
N ARG A 137 19.16 -9.91 12.05
CA ARG A 137 18.62 -9.40 10.80
C ARG A 137 17.53 -8.35 11.03
N LYS A 138 16.77 -8.44 12.12
CA LYS A 138 15.78 -7.41 12.46
C LYS A 138 16.52 -6.12 12.85
N ALA A 139 17.62 -6.23 13.61
CA ALA A 139 18.36 -5.04 14.04
C ALA A 139 19.09 -4.37 12.89
N LYS A 140 19.55 -5.16 11.92
CA LYS A 140 20.29 -4.60 10.80
C LYS A 140 19.38 -4.08 9.67
N PHE A 141 18.39 -4.88 9.25
CA PHE A 141 17.61 -4.56 8.09
C PHE A 141 16.27 -3.81 8.31
N THR A 142 15.75 -3.67 9.54
CA THR A 142 14.48 -2.95 9.73
C THR A 142 14.66 -1.49 9.35
N PHE A 143 13.69 -0.96 8.58
CA PHE A 143 13.70 0.42 8.12
C PHE A 143 13.58 1.36 9.30
N LEU A 144 14.23 2.52 9.23
CA LEU A 144 14.07 3.53 10.27
C LEU A 144 13.03 4.52 9.77
N TYR A 145 12.10 4.86 10.64
CA TYR A 145 11.01 5.75 10.26
C TYR A 145 11.09 7.08 10.99
N VAL A 146 11.31 8.17 10.25
CA VAL A 146 11.37 9.50 10.85
C VAL A 146 10.10 10.24 10.49
N GLY A 147 9.10 10.16 11.39
CA GLY A 147 7.80 10.75 11.15
C GLY A 147 7.11 10.01 10.03
N ASP A 148 6.94 10.67 8.86
CA ASP A 148 6.34 10.00 7.71
C ASP A 148 7.35 9.65 6.60
N GLN A 149 8.65 9.60 6.92
CA GLN A 149 9.67 9.25 5.96
C GLN A 149 10.29 7.88 6.27
N LEU A 150 10.42 7.05 5.24
CA LEU A 150 11.00 5.71 5.35
C LEU A 150 12.46 5.85 4.96
N HIS A 151 13.37 5.43 5.85
CA HIS A 151 14.80 5.47 5.55
C HIS A 151 15.42 4.08 5.69
N LEU A 152 16.47 3.83 4.93
CA LEU A 152 17.23 2.61 5.05
C LEU A 152 18.11 2.79 6.28
N ASN A 153 18.39 1.70 7.00
CA ASN A 153 19.30 1.69 8.15
C ASN A 153 20.66 2.31 7.73
N PRO A 154 21.24 3.26 8.50
CA PRO A 154 22.46 3.94 8.02
C PRO A 154 23.56 3.01 7.51
N GLN A 155 23.72 1.85 8.18
CA GLN A 155 24.70 0.84 7.81
C GLN A 155 24.36 0.22 6.46
N VAL A 156 23.07 -0.08 6.23
CA VAL A 156 22.62 -0.67 4.97
C VAL A 156 22.74 0.36 3.83
N ALA A 157 22.45 1.63 4.12
CA ALA A 157 22.57 2.72 3.16
C ALA A 157 24.02 2.93 2.77
N LYS A 158 24.96 2.79 3.74
CA LYS A 158 26.40 2.89 3.50
C LYS A 158 26.88 1.77 2.57
N GLU A 159 26.44 0.52 2.84
CA GLU A 159 26.79 -0.65 2.03
C GLU A 159 26.19 -0.60 0.62
N ALA A 160 25.11 0.17 0.41
CA ALA A 160 24.49 0.28 -0.91
C ALA A 160 25.06 1.47 -1.71
N GLY A 161 25.18 2.64 -1.07
CA GLY A 161 25.68 3.84 -1.73
C GLY A 161 25.40 5.12 -0.96
N LEU B 14 -27.87 16.51 11.47
CA LEU B 14 -27.87 17.77 10.71
C LEU B 14 -26.95 17.69 9.45
N LEU B 15 -25.62 17.65 9.64
CA LEU B 15 -24.70 17.58 8.50
C LEU B 15 -24.43 16.14 8.08
N LYS B 16 -24.13 15.92 6.77
CA LYS B 16 -23.89 14.58 6.26
C LYS B 16 -22.68 13.91 6.95
N TYR B 17 -21.59 14.66 7.22
CA TYR B 17 -20.42 14.08 7.88
C TYR B 17 -19.90 14.94 9.02
N ASN B 18 -19.11 14.31 9.91
CA ASN B 18 -18.45 14.95 11.05
C ASN B 18 -16.98 14.42 11.13
N VAL B 19 -16.16 14.98 12.02
CA VAL B 19 -14.77 14.58 12.24
C VAL B 19 -14.73 13.06 12.56
N GLY B 20 -13.82 12.32 11.91
CA GLY B 20 -13.75 10.88 12.16
C GLY B 20 -14.53 10.03 11.17
N ASP B 21 -15.46 10.65 10.42
CA ASP B 21 -16.17 9.92 9.39
C ASP B 21 -15.26 9.60 8.19
N LEU B 22 -15.39 8.37 7.69
CA LEU B 22 -14.60 7.91 6.59
C LEU B 22 -15.34 8.11 5.31
N VAL B 23 -14.68 8.71 4.31
CA VAL B 23 -15.28 8.98 3.01
C VAL B 23 -14.30 8.64 1.88
N TRP B 24 -14.82 8.35 0.70
CA TRP B 24 -14.05 8.26 -0.51
C TRP B 24 -14.10 9.69 -1.07
N SER B 25 -12.96 10.25 -1.49
CA SER B 25 -12.95 11.58 -2.11
C SER B 25 -12.57 11.46 -3.60
N LYS B 26 -13.22 12.27 -4.46
CA LYS B 26 -12.88 12.32 -5.87
C LYS B 26 -12.29 13.67 -6.23
N VAL B 27 -11.03 13.68 -6.65
CA VAL B 27 -10.29 14.85 -7.10
C VAL B 27 -9.99 14.64 -8.59
N SER B 28 -9.98 15.72 -9.38
CA SER B 28 -9.71 15.60 -10.80
C SER B 28 -8.31 15.10 -11.05
N GLY B 29 -8.21 14.06 -11.88
CA GLY B 29 -6.93 13.46 -12.25
C GLY B 29 -6.44 12.36 -11.33
N TYR B 30 -7.28 11.95 -10.33
CA TYR B 30 -6.94 10.90 -9.37
C TYR B 30 -8.08 9.92 -9.26
N PRO B 31 -7.84 8.65 -8.86
CA PRO B 31 -8.98 7.74 -8.61
C PRO B 31 -9.70 8.13 -7.30
N TRP B 32 -10.87 7.51 -7.00
CA TRP B 32 -11.55 7.69 -5.73
C TRP B 32 -10.56 7.24 -4.60
N TRP B 33 -10.32 8.11 -3.61
CA TRP B 33 -9.30 7.85 -2.60
C TRP B 33 -9.90 7.74 -1.18
N PRO B 34 -9.51 6.73 -0.41
CA PRO B 34 -10.03 6.62 0.97
C PRO B 34 -9.50 7.75 1.87
N CYS B 35 -10.45 8.41 2.56
CA CYS B 35 -10.21 9.56 3.40
C CYS B 35 -10.91 9.51 4.78
N MET B 36 -10.54 10.47 5.66
CA MET B 36 -11.20 10.65 6.93
C MET B 36 -11.41 12.17 7.10
N VAL B 37 -12.65 12.59 7.41
CA VAL B 37 -13.00 13.98 7.68
C VAL B 37 -12.27 14.43 8.97
N SER B 38 -11.60 15.57 8.91
CA SER B 38 -10.87 16.09 10.07
C SER B 38 -10.89 17.63 10.08
N ALA B 39 -10.51 18.25 11.20
CA ALA B 39 -10.48 19.71 11.29
C ALA B 39 -9.19 20.22 10.67
N ASP B 40 -9.25 21.32 9.94
CA ASP B 40 -8.08 21.96 9.34
C ASP B 40 -7.18 22.47 10.49
N PRO B 41 -5.88 22.13 10.48
CA PRO B 41 -5.00 22.56 11.58
C PRO B 41 -4.92 24.08 11.79
N LEU B 42 -4.95 24.86 10.71
CA LEU B 42 -4.89 26.32 10.80
C LEU B 42 -6.25 26.93 11.16
N LEU B 43 -7.28 26.65 10.35
CA LEU B 43 -8.64 27.19 10.46
C LEU B 43 -9.49 26.61 11.59
N HIS B 44 -9.06 25.48 12.16
CA HIS B 44 -9.71 24.78 13.28
C HIS B 44 -11.14 24.31 12.98
N SER B 45 -11.53 24.29 11.69
CA SER B 45 -12.86 23.86 11.24
C SER B 45 -12.79 22.64 10.30
N TYR B 46 -13.82 21.80 10.33
CA TYR B 46 -13.89 20.64 9.46
C TYR B 46 -14.85 20.84 8.28
N THR B 47 -15.75 21.83 8.35
CA THR B 47 -16.73 22.07 7.31
C THR B 47 -16.97 23.54 7.06
N LYS B 48 -17.33 23.91 5.83
CA LYS B 48 -17.59 25.30 5.50
C LYS B 48 -18.44 25.42 4.23
N LEU B 49 -19.16 26.53 4.10
CA LEU B 49 -19.95 26.78 2.90
C LEU B 49 -19.15 27.64 1.93
N LYS B 50 -19.16 27.30 0.65
CA LYS B 50 -18.40 28.01 -0.38
C LYS B 50 -19.32 28.55 -1.47
N SER B 55 -23.83 28.25 -0.22
CA SER B 55 -24.47 27.47 -1.28
C SER B 55 -23.90 26.03 -1.52
N ALA B 56 -22.59 25.80 -1.38
CA ALA B 56 -22.01 24.47 -1.63
C ALA B 56 -21.12 24.06 -0.46
N ARG B 57 -21.45 22.95 0.21
CA ARG B 57 -20.66 22.52 1.35
C ARG B 57 -19.34 21.80 1.00
N GLN B 58 -18.28 22.17 1.71
CA GLN B 58 -16.96 21.56 1.64
C GLN B 58 -16.64 21.00 3.03
N TYR B 59 -15.82 19.93 3.05
CA TYR B 59 -15.33 19.28 4.26
C TYR B 59 -13.84 19.13 4.14
N HIS B 60 -13.14 19.15 5.27
CA HIS B 60 -11.70 18.99 5.28
C HIS B 60 -11.43 17.48 5.49
N VAL B 61 -10.55 16.88 4.68
CA VAL B 61 -10.27 15.44 4.82
C VAL B 61 -8.78 15.15 4.81
N GLN B 62 -8.41 14.05 5.44
CA GLN B 62 -7.06 13.53 5.36
C GLN B 62 -7.15 12.37 4.36
N PHE B 63 -6.16 12.22 3.51
CA PHE B 63 -6.09 11.14 2.54
C PHE B 63 -5.24 10.02 3.14
N PHE B 64 -5.80 8.82 3.28
CA PHE B 64 -5.05 7.67 3.81
C PHE B 64 -3.95 7.23 2.87
N GLY B 65 -2.88 6.69 3.46
CA GLY B 65 -1.71 6.19 2.75
C GLY B 65 -0.43 6.40 3.52
N ASP B 66 0.69 5.91 2.99
CA ASP B 66 1.99 6.07 3.66
C ASP B 66 2.55 7.51 3.57
N ALA B 67 2.02 8.34 2.66
CA ALA B 67 2.43 9.75 2.47
C ALA B 67 1.25 10.74 2.65
N PRO B 68 0.91 11.06 3.91
CA PRO B 68 -0.23 11.95 4.22
C PRO B 68 -0.42 13.24 3.45
N GLU B 69 -1.68 13.52 3.13
CA GLU B 69 -2.10 14.75 2.47
C GLU B 69 -3.46 15.16 3.03
N ARG B 70 -3.81 16.43 2.93
CA ARG B 70 -5.10 16.92 3.37
C ARG B 70 -5.67 17.88 2.34
N ALA B 71 -7.00 18.06 2.33
CA ALA B 71 -7.64 18.99 1.38
C ALA B 71 -9.11 19.24 1.71
N TRP B 72 -9.65 20.39 1.27
CA TRP B 72 -11.07 20.71 1.38
C TRP B 72 -11.70 20.15 0.11
N ILE B 73 -12.74 19.34 0.27
CA ILE B 73 -13.40 18.67 -0.84
C ILE B 73 -14.88 19.02 -0.77
N PHE B 74 -15.51 19.29 -1.92
CA PHE B 74 -16.95 19.55 -1.95
C PHE B 74 -17.65 18.26 -1.69
N GLU B 75 -18.71 18.32 -0.88
CA GLU B 75 -19.55 17.20 -0.50
C GLU B 75 -19.99 16.35 -1.72
N LYS B 76 -20.21 17.00 -2.86
CA LYS B 76 -20.61 16.26 -4.08
C LYS B 76 -19.55 15.28 -4.58
N SER B 77 -18.28 15.52 -4.23
CA SER B 77 -17.17 14.64 -4.58
C SER B 77 -16.80 13.70 -3.43
N LEU B 78 -17.74 13.45 -2.49
CA LEU B 78 -17.56 12.59 -1.33
C LEU B 78 -18.63 11.50 -1.35
N VAL B 79 -18.25 10.30 -0.95
CA VAL B 79 -19.12 9.14 -0.83
C VAL B 79 -18.75 8.45 0.48
N ALA B 80 -19.73 8.06 1.33
CA ALA B 80 -19.41 7.37 2.59
C ALA B 80 -18.61 6.10 2.35
N PHE B 81 -17.55 5.88 3.14
CA PHE B 81 -16.66 4.75 2.97
C PHE B 81 -17.04 3.56 3.84
N GLU B 82 -17.16 2.39 3.20
CA GLU B 82 -17.42 1.14 3.88
C GLU B 82 -16.25 0.18 3.70
N GLY B 83 -15.77 0.09 2.47
CA GLY B 83 -14.67 -0.81 2.15
C GLY B 83 -14.26 -0.73 0.69
N GLU B 84 -13.11 -1.33 0.37
CA GLU B 84 -12.58 -1.38 -0.98
C GLU B 84 -13.60 -1.92 -2.01
N GLY B 85 -14.54 -2.76 -1.56
CA GLY B 85 -15.59 -3.32 -2.42
C GLY B 85 -16.44 -2.31 -3.16
N GLN B 86 -16.50 -1.07 -2.66
CA GLN B 86 -17.25 0.00 -3.32
C GLN B 86 -16.53 0.60 -4.49
N PHE B 87 -15.20 0.49 -4.55
CA PHE B 87 -14.38 1.15 -5.56
C PHE B 87 -14.78 0.93 -7.02
N GLU B 88 -15.05 -0.33 -7.42
CA GLU B 88 -15.43 -0.64 -8.81
C GLU B 88 -16.66 0.14 -9.25
N LYS B 89 -17.73 0.14 -8.44
CA LYS B 89 -18.94 0.90 -8.77
C LYS B 89 -18.68 2.39 -8.86
N LEU B 90 -17.84 2.93 -7.97
CA LEU B 90 -17.48 4.36 -8.01
C LEU B 90 -16.71 4.71 -9.31
N CYS B 91 -15.82 3.81 -9.75
CA CYS B 91 -15.07 4.04 -11.00
C CYS B 91 -16.07 4.08 -12.18
N GLN B 92 -17.00 3.12 -12.19
CA GLN B 92 -18.00 2.99 -13.26
C GLN B 92 -18.89 4.22 -13.32
N GLU B 93 -19.30 4.75 -12.15
CA GLU B 93 -20.15 5.95 -12.10
C GLU B 93 -19.43 7.15 -12.66
N SER B 94 -18.16 7.33 -12.30
CA SER B 94 -17.39 8.45 -12.79
C SER B 94 -17.13 8.36 -14.28
N ALA B 95 -16.94 7.13 -14.81
CA ALA B 95 -16.71 6.92 -16.23
C ALA B 95 -18.01 7.21 -17.01
N LYS B 96 -19.15 6.74 -16.49
CA LYS B 96 -20.45 6.98 -17.08
C LYS B 96 -20.81 8.48 -17.13
N GLN B 97 -20.31 9.27 -16.17
CA GLN B 97 -20.57 10.71 -16.14
C GLN B 97 -19.52 11.54 -16.88
N ALA B 98 -18.51 10.92 -17.53
CA ALA B 98 -17.49 11.67 -18.25
C ALA B 98 -18.07 12.39 -19.47
N PRO B 99 -17.77 13.68 -19.62
CA PRO B 99 -18.37 14.45 -20.71
C PRO B 99 -17.82 14.19 -22.12
N THR B 100 -16.53 13.83 -22.24
CA THR B 100 -15.90 13.59 -23.53
C THR B 100 -15.38 12.14 -23.66
N LYS B 101 -15.22 11.67 -24.90
CA LYS B 101 -14.69 10.35 -25.26
C LYS B 101 -13.31 10.15 -24.61
N ALA B 102 -12.37 11.08 -24.86
CA ALA B 102 -11.02 11.01 -24.30
C ALA B 102 -11.01 11.03 -22.77
N GLU B 103 -11.98 11.72 -22.16
CA GLU B 103 -12.10 11.81 -20.70
C GLU B 103 -12.61 10.50 -20.10
N LYS B 104 -13.58 9.85 -20.79
CA LYS B 104 -14.11 8.55 -20.38
C LYS B 104 -12.99 7.50 -20.46
N ILE B 105 -12.19 7.56 -21.55
CA ILE B 105 -11.02 6.68 -21.79
C ILE B 105 -10.03 6.82 -20.64
N LYS B 106 -9.73 8.07 -20.24
CA LYS B 106 -8.82 8.37 -19.14
C LYS B 106 -9.26 7.71 -17.84
N LEU B 107 -10.54 7.85 -17.49
CA LEU B 107 -11.10 7.27 -16.29
C LEU B 107 -11.07 5.74 -16.25
N LEU B 108 -11.03 5.11 -17.44
CA LEU B 108 -10.99 3.67 -17.60
C LEU B 108 -9.63 3.03 -17.24
N LYS B 109 -8.51 3.76 -17.49
CA LYS B 109 -7.19 3.23 -17.17
C LYS B 109 -6.95 3.09 -15.67
N PRO B 110 -6.53 1.88 -15.20
CA PRO B 110 -6.25 1.69 -13.75
C PRO B 110 -4.93 2.37 -13.31
N ILE B 111 -4.77 2.55 -11.98
CA ILE B 111 -3.57 3.18 -11.44
C ILE B 111 -2.46 2.17 -11.27
N SER B 112 -1.23 2.67 -11.30
CA SER B 112 -0.04 1.84 -11.25
C SER B 112 1.12 2.55 -10.50
N GLY B 113 2.23 1.84 -10.33
CA GLY B 113 3.43 2.38 -9.70
C GLY B 113 3.25 2.83 -8.26
N LYS B 114 3.89 3.96 -7.94
CA LYS B 114 3.88 4.58 -6.62
C LYS B 114 2.45 4.95 -6.19
N LEU B 115 1.65 5.55 -7.08
CA LEU B 115 0.27 5.94 -6.73
C LEU B 115 -0.57 4.71 -6.31
N ARG B 116 -0.50 3.61 -7.12
CA ARG B 116 -1.23 2.38 -6.82
C ARG B 116 -0.85 1.82 -5.44
N ALA B 117 0.43 1.82 -5.12
CA ALA B 117 0.92 1.36 -3.83
C ALA B 117 0.41 2.21 -2.66
N GLN B 118 0.41 3.52 -2.81
CA GLN B 118 -0.09 4.43 -1.77
C GLN B 118 -1.59 4.24 -1.55
N TRP B 119 -2.33 3.99 -2.63
CA TRP B 119 -3.76 3.78 -2.59
C TRP B 119 -4.07 2.49 -1.85
N GLU B 120 -3.31 1.42 -2.15
CA GLU B 120 -3.49 0.12 -1.53
C GLU B 120 -3.14 0.18 -0.05
N MET B 121 -2.08 0.95 0.30
CA MET B 121 -1.73 1.20 1.72
C MET B 121 -2.85 2.01 2.39
N GLY B 122 -3.45 2.97 1.66
CA GLY B 122 -4.55 3.77 2.17
C GLY B 122 -5.77 2.93 2.47
N ILE B 123 -6.05 1.93 1.63
CA ILE B 123 -7.13 0.99 1.84
C ILE B 123 -6.91 0.15 3.10
N VAL B 124 -5.65 -0.32 3.41
CA VAL B 124 -5.50 -1.14 4.61
C VAL B 124 -5.76 -0.24 5.87
N GLN B 125 -5.24 0.98 5.88
CA GLN B 125 -5.46 1.92 6.98
C GLN B 125 -6.93 2.26 7.14
N ALA B 126 -7.63 2.59 6.03
CA ALA B 126 -9.05 2.98 6.05
C ALA B 126 -9.94 1.81 6.46
N GLU B 127 -9.65 0.58 6.02
CA GLU B 127 -10.44 -0.58 6.45
C GLU B 127 -10.20 -0.91 7.93
N GLU B 128 -8.98 -0.64 8.43
CA GLU B 128 -8.71 -0.78 9.85
C GLU B 128 -9.53 0.29 10.61
N ALA B 129 -9.45 1.54 10.17
CA ALA B 129 -10.19 2.67 10.73
C ALA B 129 -11.70 2.41 10.74
N ALA B 130 -12.23 1.75 9.70
CA ALA B 130 -13.67 1.47 9.64
C ALA B 130 -14.16 0.45 10.66
N SER B 131 -13.27 -0.40 11.16
CA SER B 131 -13.67 -1.41 12.14
C SER B 131 -13.51 -0.92 13.62
N MET B 132 -13.16 0.35 13.82
CA MET B 132 -12.97 1.05 15.09
C MET B 132 -14.06 2.13 15.24
N SER B 133 -14.29 2.58 16.47
CA SER B 133 -15.23 3.67 16.71
C SER B 133 -14.63 4.97 16.17
N VAL B 134 -15.46 6.03 16.04
CA VAL B 134 -15.01 7.34 15.62
C VAL B 134 -13.89 7.86 16.52
N GLU B 135 -14.05 7.73 17.86
CA GLU B 135 -13.04 8.26 18.77
C GLU B 135 -11.75 7.44 18.66
N GLU B 136 -11.86 6.11 18.54
CA GLU B 136 -10.69 5.24 18.39
C GLU B 136 -9.92 5.57 17.10
N ARG B 137 -10.64 5.77 15.98
CA ARG B 137 -9.95 6.08 14.72
C ARG B 137 -9.43 7.52 14.70
N LYS B 138 -10.10 8.45 15.42
CA LYS B 138 -9.59 9.82 15.54
C LYS B 138 -8.26 9.79 16.31
N ALA B 139 -8.17 8.97 17.36
CA ALA B 139 -6.96 8.88 18.16
C ALA B 139 -5.80 8.26 17.36
N LYS B 140 -6.07 7.22 16.56
CA LYS B 140 -5.02 6.55 15.84
C LYS B 140 -4.60 7.20 14.54
N PHE B 141 -5.52 7.84 13.81
CA PHE B 141 -5.19 8.31 12.46
C PHE B 141 -5.13 9.82 12.22
N THR B 142 -5.55 10.69 13.18
CA THR B 142 -5.47 12.14 12.95
C THR B 142 -4.01 12.56 12.86
N PHE B 143 -3.69 13.41 11.88
CA PHE B 143 -2.33 13.90 11.65
C PHE B 143 -1.86 14.79 12.80
N LEU B 144 -0.56 14.75 13.08
CA LEU B 144 0.00 15.55 14.16
C LEU B 144 0.60 16.83 13.61
N TYR B 145 0.21 17.95 14.21
CA TYR B 145 0.64 19.27 13.76
C TYR B 145 1.38 20.01 14.88
C1 EDO C . 11.59 1.95 -6.41
O1 EDO C . 11.33 1.84 -5.00
C2 EDO C . 10.68 1.03 -7.19
O2 EDO C . 11.06 0.96 -8.55
C1 EOH D . 6.06 5.76 5.82
C2 EOH D . 4.79 5.62 6.66
O EOH D . 6.33 4.57 5.05
C1 A1H7Y E . 5.84 -0.79 -3.80
C1 A1H7Y E . 5.78 -0.75 -3.68
C2 A1H7Y E . 5.74 0.59 -3.64
C2 A1H7Y E . 5.68 0.62 -3.46
C3 A1H7Y E . 6.05 1.47 -4.64
C3 A1H7Y E . 6.06 1.55 -4.41
C7 A1H7Y E . 6.44 -2.69 -5.34
C7 A1H7Y E . 6.43 -2.61 -5.23
C8 A1H7Y E . 5.85 -4.72 -5.73
C8 A1H7Y E . 5.80 -4.61 -5.66
C9 A1H7Y E . 8.05 -5.88 -6.05
C9 A1H7Y E . 7.99 -5.80 -6.04
C10 A1H7Y E . 7.60 -3.41 -5.53
C10 A1H7Y E . 7.57 -3.33 -5.47
C11 A1H7Y E . 9.01 -2.97 -5.49
C11 A1H7Y E . 9.00 -2.92 -5.45
C12 A1H7Y E . 9.76 -2.86 -6.67
C12 A1H7Y E . 9.72 -2.81 -6.63
C13 A1H7Y E . 11.07 -2.47 -6.63
C13 A1H7Y E . 11.04 -2.43 -6.62
C14 A1H7Y E . 11.66 -2.16 -5.40
C14 A1H7Y E . 11.67 -2.15 -5.40
C15 A1H7Y E . 13.58 -1.45 -4.14
C15 A1H7Y E . 13.63 -1.49 -4.17
C16 A1H7Y E . 12.90 -2.04 -2.94
C16 A1H7Y E . 12.96 -2.07 -2.95
C19 A1H7Y E . 6.86 1.94 -6.98
C19 A1H7Y E . 7.01 2.08 -6.69
C20 A1H7Y E . 7.03 2.09 -9.47
C20 A1H7Y E . 8.58 3.99 -7.07
C21 A1H7Y E . 6.83 1.39 -10.65
C21 A1H7Y E . 9.46 4.85 -6.41
C22 A1H7Y E . 7.11 2.00 -11.86
C22 A1H7Y E . 10.15 5.81 -7.14
C24 A1H7Y E . 7.79 3.98 -10.74
C24 A1H7Y E . 9.11 5.09 -9.15
O2 A1H7Y E . 7.25 3.09 -6.75
O2 A1H7Y E . 6.59 1.98 -7.84
N3 A1H7Y E . 6.74 1.45 -8.23
N3 A1H7Y E . 7.90 3.03 -6.30
C25 A1H7Y E . 7.52 3.40 -9.51
C25 A1H7Y E . 8.41 4.11 -8.45
C23 A1H7Y E . 7.59 3.29 -11.91
C23 A1H7Y E . 9.98 5.94 -8.49
C4 A1H7Y E . 6.49 1.02 -5.86
C4 A1H7Y E . 6.57 1.13 -5.62
C5 A1H7Y E . 6.62 -0.35 -6.07
C5 A1H7Y E . 6.67 -0.23 -5.88
C6 A1H7Y E . 6.29 -1.26 -5.06
C6 A1H7Y E . 6.29 -1.17 -4.92
C A1H7Y E . 5.48 -1.71 -2.67
C A1H7Y E . 5.34 -1.71 -2.60
N1 A1H7Y E . 7.20 -4.72 -5.78
N1 A1H7Y E . 7.15 -4.65 -5.74
N A1H7Y E . 5.35 -3.53 -5.48
N A1H7Y E . 5.32 -3.43 -5.37
C18 A1H7Y E . 9.60 -2.66 -4.27
C18 A1H7Y E . 9.62 -2.63 -4.23
C17 A1H7Y E . 10.92 -2.26 -4.24
C17 A1H7Y E . 10.94 -2.26 -4.21
O1 A1H7Y E . 11.47 -1.97 -3.01
O1 A1H7Y E . 11.52 -2.00 -3.00
O A1H7Y E . 14.76 -1.10 -4.10
O A1H7Y E . 14.81 -1.16 -4.16
N2 A1H7Y E . 12.99 -1.75 -5.31
N2 A1H7Y E . 13.00 -1.77 -5.33
C1 EDO F . -1.29 -5.92 -2.45
O1 EDO F . -2.29 -6.94 -2.58
C2 EDO F . -0.31 -5.95 -3.61
O2 EDO F . -0.99 -5.56 -4.81
C1 EDO G . 1.86 -2.63 -3.57
O1 EDO G . 0.64 -2.32 -2.92
C2 EDO G . 1.74 -2.27 -5.02
O2 EDO G . 2.98 -2.42 -5.68
C1 EDO H . 1.63 6.43 -11.20
O1 EDO H . 2.27 6.65 -9.94
C2 EDO H . 0.23 7.03 -11.33
O2 EDO H . -0.73 6.08 -11.80
C1 EOH I . -5.48 -4.91 -2.40
C2 EOH I . -6.59 -5.77 -1.77
O EOH I . -5.79 -3.49 -2.28
C1 EOH J . -18.71 6.72 7.17
C2 EOH J . -19.15 8.12 6.86
O EOH J . -17.88 6.55 8.42
C1 A1H7Y K . -3.19 16.45 -2.12
C2 A1H7Y K . -2.15 17.30 -1.78
C3 A1H7Y K . -0.94 17.29 -2.47
C7 A1H7Y K . -4.05 14.62 -3.62
C8 A1H7Y K . -5.93 14.03 -4.52
C9 A1H7Y K . -5.94 11.55 -4.23
C10 A1H7Y K . -4.12 13.26 -3.51
C11 A1H7Y K . -3.23 12.24 -2.92
C12 A1H7Y K . -2.41 11.47 -3.73
C13 A1H7Y K . -1.57 10.50 -3.19
C14 A1H7Y K . -1.58 10.29 -1.81
C15 A1H7Y K . -0.75 9.10 0.12
C16 A1H7Y K . -1.92 9.66 0.87
C19 A1H7Y K . 0.53 16.37 -4.29
C20 A1H7Y K . 0.91 14.11 -5.26
C21 A1H7Y K . 1.23 13.52 -4.04
C22 A1H7Y K . 1.55 12.17 -3.98
C24 A1H7Y K . 1.23 11.98 -6.33
O2 A1H7Y K . 1.49 17.07 -3.98
N3 A1H7Y K . 0.57 15.49 -5.33
C25 A1H7Y K . 0.91 13.33 -6.42
C23 A1H7Y K . 1.55 11.41 -5.13
C4 A1H7Y K . -0.75 16.42 -3.54
C5 A1H7Y K . -1.78 15.56 -3.89
C6 A1H7Y K . -2.99 15.57 -3.21
C A1H7Y K . -4.48 16.51 -1.35
N1 A1H7Y K . -5.37 12.90 -4.10
N A1H7Y K . -5.19 15.10 -4.27
C18 A1H7Y K . -3.23 12.03 -1.55
C17 A1H7Y K . -2.42 11.06 -1.01
O1 A1H7Y K . -2.44 10.89 0.36
O A1H7Y K . -0.02 8.25 0.61
N2 A1H7Y K . -0.77 9.33 -1.20
#